data_3K1E
#
_entry.id   3K1E
#
_cell.length_a   34.248
_cell.length_b   47.870
_cell.length_c   69.082
_cell.angle_alpha   90.00
_cell.angle_beta   96.61
_cell.angle_gamma   90.00
#
_symmetry.space_group_name_H-M   'P 1 21 1'
#
loop_
_entity.id
_entity.type
_entity.pdbx_description
1 polymer 'Odorant binding protein'
2 non-polymer 'MAGNESIUM ION'
3 non-polymer 2,5,8,11,14,17,20,23,26,29,32,35,38,41,44,47,50,53,56,59,62,65,68,71,74,77,80-HEPTACOSAOXADOOCTACONTAN-82-OL
4 non-polymer 'CHLORIDE ION'
5 water water
#
_entity_poly.entity_id   1
_entity_poly.type   'polypeptide(L)'
_entity_poly.pdbx_seq_one_letter_code
;DVTPRRDAEYPPPEFLEAMKPLREICIKKTGVTEEAIIEFSDGKVHEDENLKCYMNCLFHEAKVVDDTGHVHLEKLHDAL
PDSMHDIALHMGKRCLYPEGENLCEKAFWLHKCWKESDPKHYFLI
;
_entity_poly.pdbx_strand_id   A,B
#
# COMPACT_ATOMS: atom_id res chain seq x y z
N VAL A 2 -4.47 -5.08 -21.75
CA VAL A 2 -5.79 -4.39 -21.88
C VAL A 2 -5.54 -2.93 -22.28
N THR A 3 -6.49 -2.33 -22.99
CA THR A 3 -6.32 -0.97 -23.55
C THR A 3 -6.83 0.14 -22.60
N PRO A 4 -6.20 1.34 -22.65
CA PRO A 4 -6.58 2.41 -21.70
C PRO A 4 -8.01 2.90 -21.85
N ARG A 5 -8.74 2.97 -20.73
CA ARG A 5 -10.10 3.50 -20.72
C ARG A 5 -10.07 5.02 -20.79
N ARG A 6 -10.68 5.58 -21.83
CA ARG A 6 -10.80 7.02 -21.99
C ARG A 6 -12.22 7.33 -22.46
N ASP A 7 -13.00 7.98 -21.60
CA ASP A 7 -14.35 8.43 -21.99
C ASP A 7 -14.83 9.62 -21.15
N ALA A 8 -16.10 10.00 -21.30
CA ALA A 8 -16.68 11.12 -20.55
C ALA A 8 -16.60 10.91 -19.04
N GLU A 9 -16.76 9.66 -18.60
CA GLU A 9 -16.74 9.32 -17.19
C GLU A 9 -15.32 9.08 -16.63
N TYR A 10 -14.43 8.50 -17.43
CA TYR A 10 -13.08 8.13 -16.94
C TYR A 10 -11.96 8.41 -17.95
N PRO A 11 -10.84 9.03 -17.51
CA PRO A 11 -10.54 9.52 -16.16
C PRO A 11 -11.57 10.54 -15.67
N PRO A 12 -11.76 10.64 -14.35
CA PRO A 12 -12.80 11.53 -13.82
C PRO A 12 -12.57 13.00 -14.19
N PRO A 13 -13.47 13.60 -15.00
CA PRO A 13 -13.30 14.98 -15.46
C PRO A 13 -12.92 15.97 -14.37
N GLU A 14 -13.57 15.87 -13.21
CA GLU A 14 -13.31 16.79 -12.10
C GLU A 14 -11.84 16.75 -11.68
N PHE A 15 -11.27 15.55 -11.67
CA PHE A 15 -9.87 15.35 -11.35
C PHE A 15 -8.95 15.98 -12.39
N LEU A 16 -9.27 15.77 -13.67
CA LEU A 16 -8.46 16.31 -14.76
C LEU A 16 -8.46 17.83 -14.75
N GLU A 17 -9.62 18.43 -14.56
CA GLU A 17 -9.71 19.89 -14.46
C GLU A 17 -9.02 20.41 -13.21
N ALA A 18 -9.17 19.69 -12.09
CA ALA A 18 -8.52 20.05 -10.84
C ALA A 18 -7.00 20.02 -10.89
N MET A 19 -6.44 19.15 -11.72
CA MET A 19 -4.98 19.05 -11.87
C MET A 19 -4.39 20.01 -12.90
N LYS A 20 -5.24 20.70 -13.67
CA LYS A 20 -4.77 21.60 -14.71
C LYS A 20 -3.73 22.63 -14.23
N PRO A 21 -4.05 23.40 -13.17
CA PRO A 21 -3.05 24.37 -12.72
C PRO A 21 -1.74 23.73 -12.27
N LEU A 22 -1.81 22.52 -11.70
CA LEU A 22 -0.60 21.86 -11.21
C LEU A 22 0.26 21.39 -12.38
N ARG A 23 -0.39 20.86 -13.41
CA ARG A 23 0.29 20.50 -14.65
C ARG A 23 1.03 21.72 -15.23
N GLU A 24 0.37 22.87 -15.25
CA GLU A 24 0.97 24.08 -15.80
C GLU A 24 2.21 24.47 -14.99
N ILE A 25 2.12 24.41 -13.66
CA ILE A 25 3.26 24.69 -12.78
C ILE A 25 4.40 23.76 -13.15
N CYS A 26 4.06 22.48 -13.26
CA CYS A 26 5.05 21.42 -13.34
C CYS A 26 5.68 21.29 -14.72
N ILE A 27 4.91 21.53 -15.78
CA ILE A 27 5.52 21.61 -17.11
C ILE A 27 6.53 22.75 -17.19
N LYS A 28 6.22 23.89 -16.60
CA LYS A 28 7.17 25.01 -16.61
C LYS A 28 8.47 24.67 -15.83
N LYS A 29 8.33 23.93 -14.74
CA LYS A 29 9.49 23.62 -13.89
CA LYS A 29 9.47 23.61 -13.89
C LYS A 29 10.36 22.51 -14.48
N THR A 30 9.77 21.60 -15.22
CA THR A 30 10.44 20.36 -15.62
C THR A 30 10.76 20.25 -17.11
N GLY A 31 10.09 21.04 -17.93
CA GLY A 31 10.37 21.07 -19.37
C GLY A 31 9.98 19.81 -20.12
N VAL A 32 9.17 18.96 -19.49
CA VAL A 32 8.60 17.80 -20.14
C VAL A 32 7.73 18.23 -21.33
N THR A 33 7.76 17.44 -22.40
CA THR A 33 6.93 17.70 -23.56
C THR A 33 5.54 17.10 -23.39
N GLU A 34 4.56 17.69 -24.06
CA GLU A 34 3.17 17.19 -24.08
CA GLU A 34 3.22 17.17 -23.96
C GLU A 34 3.15 15.77 -24.60
N GLU A 35 4.02 15.51 -25.58
CA GLU A 35 4.10 14.21 -26.22
C GLU A 35 4.55 13.10 -25.27
N ALA A 36 5.52 13.40 -24.40
CA ALA A 36 5.98 12.42 -23.41
C ALA A 36 4.87 12.06 -22.44
N ILE A 37 4.08 13.05 -22.04
CA ILE A 37 3.00 12.84 -21.07
C ILE A 37 1.91 11.95 -21.66
N ILE A 38 1.43 12.32 -22.85
CA ILE A 38 0.34 11.62 -23.55
CA ILE A 38 0.33 11.59 -23.48
C ILE A 38 0.76 10.18 -23.91
N GLU A 39 2.00 10.03 -24.37
CA GLU A 39 2.52 8.71 -24.72
C GLU A 39 2.59 7.82 -23.48
N PHE A 40 3.07 8.37 -22.37
CA PHE A 40 3.14 7.58 -21.15
C PHE A 40 1.74 7.23 -20.63
N SER A 41 0.83 8.19 -20.70
CA SER A 41 -0.57 7.97 -20.29
C SER A 41 -1.28 6.91 -21.16
N ASP A 42 -1.25 7.11 -22.46
CA ASP A 42 -2.12 6.38 -23.40
C ASP A 42 -1.40 5.31 -24.22
N GLY A 43 -0.07 5.34 -24.20
CA GLY A 43 0.70 4.50 -25.09
C GLY A 43 1.60 3.57 -24.31
N LYS A 44 2.78 3.33 -24.84
CA LYS A 44 3.70 2.38 -24.24
C LYS A 44 4.50 3.10 -23.18
N VAL A 45 4.83 2.40 -22.11
CA VAL A 45 5.72 2.94 -21.10
CA VAL A 45 5.74 2.93 -21.11
C VAL A 45 7.02 3.36 -21.80
N HIS A 46 7.53 4.52 -21.45
CA HIS A 46 8.79 4.99 -22.01
C HIS A 46 9.49 5.81 -20.94
N GLU A 47 10.79 5.99 -21.10
CA GLU A 47 11.59 6.62 -20.05
C GLU A 47 12.23 7.89 -20.57
N ASP A 48 11.82 9.00 -19.99
CA ASP A 48 12.22 10.34 -20.42
C ASP A 48 12.58 11.04 -19.12
N GLU A 49 13.72 11.72 -19.10
CA GLU A 49 14.22 12.28 -17.84
C GLU A 49 13.30 13.39 -17.32
N ASN A 50 12.88 14.29 -18.19
CA ASN A 50 12.01 15.40 -17.77
C ASN A 50 10.64 14.93 -17.28
N LEU A 51 10.11 13.89 -17.92
CA LEU A 51 8.89 13.24 -17.48
C LEU A 51 9.00 12.76 -16.03
N LYS A 52 10.13 12.17 -15.66
CA LYS A 52 10.28 11.67 -14.29
C LYS A 52 10.13 12.81 -13.26
N CYS A 53 10.74 13.95 -13.55
CA CYS A 53 10.66 15.06 -12.62
CA CYS A 53 10.69 15.13 -12.69
C CYS A 53 9.29 15.76 -12.67
N TYR A 54 8.61 15.68 -13.81
CA TYR A 54 7.22 16.16 -13.92
C TYR A 54 6.32 15.35 -12.97
N MET A 55 6.47 14.03 -13.02
CA MET A 55 5.77 13.15 -12.12
C MET A 55 6.01 13.48 -10.66
N ASN A 56 7.28 13.70 -10.29
CA ASN A 56 7.60 14.09 -8.92
C ASN A 56 6.97 15.45 -8.57
N CYS A 57 7.11 16.40 -9.48
CA CYS A 57 6.54 17.73 -9.30
C CYS A 57 5.03 17.68 -8.95
N LEU A 58 4.27 16.85 -9.67
CA LEU A 58 2.82 16.73 -9.42
C LEU A 58 2.49 16.22 -8.04
N PHE A 59 3.27 15.25 -7.54
CA PHE A 59 3.08 14.75 -6.18
C PHE A 59 3.28 15.88 -5.19
N HIS A 60 4.32 16.69 -5.41
CA HIS A 60 4.63 17.79 -4.50
CA HIS A 60 4.64 17.80 -4.52
C HIS A 60 3.55 18.87 -4.52
N GLU A 61 3.18 19.34 -5.71
CA GLU A 61 2.15 20.36 -5.85
C GLU A 61 0.77 19.93 -5.33
N ALA A 62 0.47 18.64 -5.47
CA ALA A 62 -0.78 18.04 -4.99
C ALA A 62 -0.79 17.81 -3.48
N LYS A 63 0.33 18.07 -2.81
CA LYS A 63 0.45 17.89 -1.37
CA LYS A 63 0.44 17.89 -1.37
C LYS A 63 0.09 16.46 -0.96
N VAL A 64 0.66 15.48 -1.68
CA VAL A 64 0.49 14.08 -1.30
C VAL A 64 1.83 13.45 -0.91
N VAL A 65 2.71 14.28 -0.34
CA VAL A 65 4.03 13.85 0.07
C VAL A 65 4.17 13.98 1.58
N ASP A 66 5.03 13.15 2.17
CA ASP A 66 5.34 13.21 3.57
C ASP A 66 6.30 14.37 3.88
N ASP A 67 6.76 14.44 5.12
CA ASP A 67 7.59 15.57 5.56
C ASP A 67 9.08 15.47 5.11
N THR A 68 9.40 14.45 4.32
CA THR A 68 10.68 14.36 3.62
C THR A 68 10.55 14.46 2.09
N GLY A 69 9.34 14.73 1.62
CA GLY A 69 9.09 14.93 0.21
C GLY A 69 8.79 13.70 -0.61
N HIS A 70 8.70 12.53 0.06
CA HIS A 70 8.38 11.28 -0.58
C HIS A 70 6.88 11.07 -0.61
N VAL A 71 6.43 10.37 -1.64
CA VAL A 71 5.01 10.10 -1.83
C VAL A 71 4.46 9.39 -0.60
N HIS A 72 3.40 9.94 -0.04
CA HIS A 72 2.67 9.30 1.04
C HIS A 72 1.45 8.65 0.41
N LEU A 73 1.46 7.33 0.29
CA LEU A 73 0.46 6.64 -0.48
C LEU A 73 -0.95 6.74 0.14
N GLU A 74 -1.02 6.91 1.45
CA GLU A 74 -2.31 7.12 2.12
C GLU A 74 -2.86 8.50 1.80
N LYS A 75 -2.01 9.53 1.91
CA LYS A 75 -2.41 10.88 1.50
C LYS A 75 -2.86 10.89 0.04
N LEU A 76 -2.15 10.14 -0.81
CA LEU A 76 -2.49 10.09 -2.23
C LEU A 76 -3.88 9.47 -2.43
N HIS A 77 -4.11 8.33 -1.79
CA HIS A 77 -5.43 7.69 -1.88
C HIS A 77 -6.54 8.61 -1.38
N ASP A 78 -6.34 9.24 -0.22
CA ASP A 78 -7.31 10.18 0.35
C ASP A 78 -7.60 11.36 -0.59
N ALA A 79 -6.61 11.76 -1.37
CA ALA A 79 -6.73 12.89 -2.29
C ALA A 79 -7.48 12.55 -3.58
N LEU A 80 -7.44 11.29 -3.98
CA LEU A 80 -8.03 10.89 -5.25
C LEU A 80 -9.55 10.98 -5.28
N PRO A 81 -10.14 11.15 -6.48
CA PRO A 81 -11.59 11.11 -6.65
C PRO A 81 -12.24 9.87 -6.08
N ASP A 82 -13.43 10.04 -5.50
CA ASP A 82 -14.18 8.91 -4.91
CA ASP A 82 -14.20 8.93 -4.92
C ASP A 82 -14.43 7.80 -5.91
N SER A 83 -14.65 8.15 -7.17
CA SER A 83 -14.91 7.18 -8.22
C SER A 83 -13.67 6.30 -8.49
N MET A 84 -12.50 6.74 -8.05
CA MET A 84 -11.27 5.96 -8.20
C MET A 84 -10.85 5.17 -6.96
N HIS A 85 -11.65 5.19 -5.90
CA HIS A 85 -11.27 4.55 -4.62
C HIS A 85 -10.71 3.15 -4.84
N ASP A 86 -11.49 2.29 -5.48
CA ASP A 86 -11.12 0.89 -5.58
C ASP A 86 -10.14 0.65 -6.72
N ILE A 87 -10.29 1.40 -7.82
CA ILE A 87 -9.35 1.34 -8.92
C ILE A 87 -7.92 1.60 -8.42
N ALA A 88 -7.76 2.68 -7.66
CA ALA A 88 -6.46 3.08 -7.16
C ALA A 88 -5.89 2.05 -6.20
N LEU A 89 -6.74 1.48 -5.34
CA LEU A 89 -6.27 0.46 -4.39
C LEU A 89 -5.67 -0.76 -5.11
N HIS A 90 -6.36 -1.27 -6.13
CA HIS A 90 -5.83 -2.41 -6.88
C HIS A 90 -4.62 -2.06 -7.74
N MET A 91 -4.59 -0.83 -8.25
CA MET A 91 -3.49 -0.35 -9.06
CA MET A 91 -3.48 -0.39 -9.07
C MET A 91 -2.22 -0.19 -8.22
N GLY A 92 -2.40 0.23 -6.96
CA GLY A 92 -1.28 0.49 -6.05
C GLY A 92 -0.79 -0.65 -5.15
N LYS A 93 -1.53 -1.75 -5.11
CA LYS A 93 -1.30 -2.80 -4.10
C LYS A 93 0.02 -3.59 -4.25
N ARG A 94 0.58 -3.64 -5.45
CA ARG A 94 1.91 -4.22 -5.69
C ARG A 94 2.94 -3.17 -6.09
N CYS A 95 2.77 -1.96 -5.56
CA CYS A 95 3.64 -0.84 -5.89
C CYS A 95 3.93 -0.04 -4.63
N LEU A 96 4.16 -0.73 -3.51
CA LEU A 96 4.20 -0.04 -2.22
C LEU A 96 5.54 0.61 -1.86
N TYR A 97 6.62 0.07 -2.42
CA TYR A 97 7.97 0.45 -1.98
C TYR A 97 8.84 0.91 -3.13
N PRO A 98 8.72 2.18 -3.49
CA PRO A 98 9.51 2.67 -4.63
C PRO A 98 11.01 2.62 -4.42
N GLU A 99 11.73 2.42 -5.53
CA GLU A 99 13.16 2.37 -5.52
C GLU A 99 13.67 3.39 -6.52
N GLY A 100 14.79 4.03 -6.21
CA GLY A 100 15.35 5.05 -7.09
C GLY A 100 16.33 5.91 -6.34
N GLU A 101 17.25 6.51 -7.08
CA GLU A 101 18.33 7.30 -6.48
C GLU A 101 17.90 8.71 -6.09
N ASN A 102 16.75 9.14 -6.58
CA ASN A 102 16.19 10.47 -6.23
C ASN A 102 14.69 10.44 -6.38
N LEU A 103 14.03 11.56 -6.08
CA LEU A 103 12.58 11.62 -6.06
C LEU A 103 11.96 11.55 -7.45
N CYS A 104 12.62 12.10 -8.47
CA CYS A 104 12.16 11.90 -9.84
C CYS A 104 12.11 10.43 -10.20
N GLU A 105 13.16 9.71 -9.84
CA GLU A 105 13.24 8.29 -10.16
C GLU A 105 12.18 7.51 -9.39
N LYS A 106 11.97 7.85 -8.12
CA LYS A 106 10.94 7.19 -7.31
C LYS A 106 9.54 7.47 -7.88
N ALA A 107 9.31 8.71 -8.34
CA ALA A 107 7.99 9.09 -8.88
C ALA A 107 7.70 8.29 -10.14
N PHE A 108 8.72 8.14 -10.98
CA PHE A 108 8.61 7.36 -12.22
C PHE A 108 8.40 5.88 -11.90
N TRP A 109 9.10 5.39 -10.89
CA TRP A 109 8.92 4.00 -10.46
C TRP A 109 7.44 3.74 -10.14
N LEU A 110 6.82 4.65 -9.41
CA LEU A 110 5.40 4.50 -9.02
C LEU A 110 4.52 4.53 -10.25
N HIS A 111 4.70 5.52 -11.14
CA HIS A 111 3.85 5.60 -12.33
C HIS A 111 4.01 4.38 -13.25
N LYS A 112 5.25 3.92 -13.43
CA LYS A 112 5.52 2.77 -14.24
C LYS A 112 4.85 1.52 -13.63
N CYS A 113 4.99 1.34 -12.34
CA CYS A 113 4.37 0.21 -11.62
C CYS A 113 2.82 0.22 -11.70
N TRP A 114 2.24 1.40 -11.51
CA TRP A 114 0.80 1.59 -11.68
C TRP A 114 0.33 1.24 -13.09
N LYS A 115 1.05 1.75 -14.08
CA LYS A 115 0.71 1.55 -15.47
C LYS A 115 0.80 0.08 -15.84
N GLU A 116 1.85 -0.58 -15.35
CA GLU A 116 2.05 -2.01 -15.54
CA GLU A 116 2.01 -2.00 -15.60
C GLU A 116 0.92 -2.78 -14.90
N SER A 117 0.52 -2.34 -13.71
CA SER A 117 -0.50 -3.02 -12.92
C SER A 117 -1.90 -2.99 -13.53
N ASP A 118 -2.29 -1.82 -14.02
CA ASP A 118 -3.62 -1.62 -14.62
C ASP A 118 -3.51 -0.61 -15.76
N PRO A 119 -3.13 -1.09 -16.96
CA PRO A 119 -3.01 -0.19 -18.11
C PRO A 119 -4.36 0.41 -18.59
N LYS A 120 -5.47 -0.25 -18.27
CA LYS A 120 -6.78 0.27 -18.61
C LYS A 120 -7.08 1.58 -17.85
N HIS A 121 -6.89 1.56 -16.54
CA HIS A 121 -7.27 2.69 -15.69
C HIS A 121 -6.12 3.65 -15.42
N TYR A 122 -4.88 3.23 -15.69
CA TYR A 122 -3.77 4.15 -15.54
C TYR A 122 -3.97 5.31 -16.51
N PHE A 123 -3.72 6.51 -16.02
CA PHE A 123 -3.57 7.70 -16.86
C PHE A 123 -2.59 8.66 -16.19
N LEU A 124 -2.02 9.57 -16.97
CA LEU A 124 -1.17 10.63 -16.44
C LEU A 124 -1.76 11.99 -16.77
N ILE A 125 -1.95 12.80 -15.73
CA ILE A 125 -2.36 14.20 -15.85
C ILE A 125 -1.36 14.99 -16.72
N TYR B 10 -15.69 -17.77 8.00
CA TYR B 10 -14.64 -16.77 8.32
C TYR B 10 -14.26 -16.82 9.82
N PRO B 11 -12.94 -16.77 10.15
CA PRO B 11 -11.80 -16.68 9.23
C PRO B 11 -11.73 -17.89 8.29
N PRO B 12 -11.05 -17.73 7.13
CA PRO B 12 -11.02 -18.85 6.20
C PRO B 12 -10.28 -20.04 6.80
N PRO B 13 -10.88 -21.25 6.73
CA PRO B 13 -10.27 -22.48 7.22
C PRO B 13 -8.80 -22.68 6.84
N GLU B 14 -8.47 -22.42 5.57
CA GLU B 14 -7.11 -22.64 5.06
CA GLU B 14 -7.11 -22.65 5.06
C GLU B 14 -6.08 -21.77 5.77
N PHE B 15 -6.50 -20.58 6.20
CA PHE B 15 -5.62 -19.71 6.95
C PHE B 15 -5.39 -20.26 8.36
N LEU B 16 -6.49 -20.67 9.02
CA LEU B 16 -6.37 -21.29 10.35
C LEU B 16 -5.38 -22.47 10.32
N GLU B 17 -5.47 -23.29 9.28
CA GLU B 17 -4.57 -24.43 9.12
C GLU B 17 -3.11 -24.03 8.91
N ALA B 18 -2.89 -23.05 8.03
CA ALA B 18 -1.54 -22.65 7.66
C ALA B 18 -0.81 -22.00 8.85
N MET B 19 -1.56 -21.28 9.67
CA MET B 19 -1.04 -20.56 10.84
CA MET B 19 -0.98 -20.57 10.81
C MET B 19 -0.63 -21.48 11.99
N LYS B 20 -1.29 -22.62 12.12
CA LYS B 20 -1.06 -23.47 13.29
C LYS B 20 0.42 -23.72 13.66
N PRO B 21 1.25 -24.17 12.69
CA PRO B 21 2.64 -24.42 13.07
C PRO B 21 3.40 -23.15 13.49
N LEU B 22 2.98 -22.00 12.95
CA LEU B 22 3.61 -20.72 13.29
CA LEU B 22 3.58 -20.70 13.28
C LEU B 22 3.21 -20.26 14.69
N ARG B 23 1.94 -20.42 15.03
CA ARG B 23 1.43 -20.18 16.38
C ARG B 23 2.20 -21.02 17.41
N GLU B 24 2.35 -22.31 17.15
CA GLU B 24 3.06 -23.20 18.08
CA GLU B 24 3.06 -23.20 18.08
C GLU B 24 4.48 -22.68 18.37
N ILE B 25 5.23 -22.40 17.31
CA ILE B 25 6.61 -21.91 17.42
C ILE B 25 6.66 -20.60 18.23
N CYS B 26 5.76 -19.69 17.88
CA CYS B 26 5.79 -18.34 18.38
C CYS B 26 5.25 -18.19 19.80
N ILE B 27 4.28 -19.00 20.20
CA ILE B 27 3.84 -19.03 21.59
C ILE B 27 4.99 -19.49 22.47
N LYS B 28 5.69 -20.53 22.02
CA LYS B 28 6.82 -21.04 22.74
C LYS B 28 7.92 -19.98 22.87
N LYS B 29 8.22 -19.29 21.77
CA LYS B 29 9.30 -18.32 21.75
C LYS B 29 9.01 -17.09 22.63
N THR B 30 7.77 -16.61 22.63
CA THR B 30 7.44 -15.30 23.19
C THR B 30 6.73 -15.31 24.54
N GLY B 31 6.18 -16.46 24.92
CA GLY B 31 5.47 -16.60 26.20
C GLY B 31 4.09 -15.94 26.25
N VAL B 32 3.53 -15.57 25.11
CA VAL B 32 2.22 -14.90 25.09
C VAL B 32 1.17 -15.89 25.63
N THR B 33 0.12 -15.39 26.27
CA THR B 33 -0.93 -16.29 26.78
C THR B 33 -1.95 -16.51 25.68
N GLU B 34 -2.57 -17.69 25.65
CA GLU B 34 -3.69 -17.94 24.73
C GLU B 34 -4.82 -16.92 24.93
N GLU B 35 -5.05 -16.51 26.19
CA GLU B 35 -6.13 -15.56 26.52
C GLU B 35 -5.83 -14.18 25.94
N ALA B 36 -4.56 -13.78 25.98
CA ALA B 36 -4.15 -12.51 25.39
C ALA B 36 -4.47 -12.46 23.89
N ILE B 37 -4.21 -13.58 23.20
CA ILE B 37 -4.48 -13.68 21.77
C ILE B 37 -5.97 -13.51 21.48
N ILE B 38 -6.83 -14.23 22.19
CA ILE B 38 -8.28 -14.17 22.00
CA ILE B 38 -8.26 -14.15 21.94
C ILE B 38 -8.84 -12.79 22.34
N GLU B 39 -8.32 -12.21 23.42
CA GLU B 39 -8.74 -10.86 23.83
C GLU B 39 -8.45 -9.85 22.73
N PHE B 40 -7.25 -9.88 22.18
CA PHE B 40 -6.91 -8.96 21.10
C PHE B 40 -7.71 -9.26 19.83
N SER B 41 -7.91 -10.55 19.55
CA SER B 41 -8.60 -10.96 18.34
C SER B 41 -10.03 -10.44 18.29
N ASP B 42 -10.75 -10.58 19.39
CA ASP B 42 -12.19 -10.39 19.39
C ASP B 42 -12.70 -9.28 20.30
N GLY B 43 -11.85 -8.78 21.20
CA GLY B 43 -12.28 -7.81 22.19
C GLY B 43 -11.66 -6.46 21.93
N LYS B 44 -11.38 -5.72 23.00
CA LYS B 44 -10.81 -4.39 22.88
C LYS B 44 -9.32 -4.45 22.52
N VAL B 45 -8.81 -3.38 21.91
CA VAL B 45 -7.39 -3.26 21.70
C VAL B 45 -6.72 -3.16 23.06
N HIS B 46 -5.69 -3.98 23.26
CA HIS B 46 -4.91 -3.86 24.49
C HIS B 46 -3.46 -4.10 24.17
N GLU B 47 -2.59 -3.62 25.04
CA GLU B 47 -1.17 -3.77 24.86
C GLU B 47 -0.72 -4.81 25.88
N ASP B 48 -0.13 -5.85 25.38
CA ASP B 48 0.53 -6.86 26.18
C ASP B 48 1.87 -7.05 25.50
N GLU B 49 2.93 -7.02 26.28
CA GLU B 49 4.28 -6.98 25.74
C GLU B 49 4.62 -8.23 24.93
N ASN B 50 4.25 -9.38 25.46
CA ASN B 50 4.55 -10.65 24.80
C ASN B 50 3.71 -10.81 23.55
N LEU B 51 2.49 -10.28 23.58
CA LEU B 51 1.60 -10.30 22.43
C LEU B 51 2.25 -9.64 21.22
N LYS B 52 2.88 -8.49 21.46
CA LYS B 52 3.52 -7.72 20.41
C LYS B 52 4.64 -8.54 19.78
N CYS B 53 5.43 -9.23 20.61
CA CYS B 53 6.51 -10.02 20.04
C CYS B 53 6.00 -11.31 19.40
N TYR B 54 4.89 -11.84 19.89
CA TYR B 54 4.19 -12.93 19.22
C TYR B 54 3.82 -12.50 17.80
N MET B 55 3.22 -11.32 17.69
CA MET B 55 2.84 -10.77 16.39
C MET B 55 4.04 -10.65 15.45
N ASN B 56 5.17 -10.14 15.97
CA ASN B 56 6.40 -10.06 15.17
C ASN B 56 6.86 -11.46 14.74
N CYS B 57 6.80 -12.41 15.67
CA CYS B 57 7.30 -13.75 15.43
C CYS B 57 6.52 -14.40 14.29
N LEU B 58 5.19 -14.26 14.29
CA LEU B 58 4.39 -14.81 13.18
C LEU B 58 4.81 -14.25 11.82
N PHE B 59 5.11 -12.96 11.75
CA PHE B 59 5.52 -12.35 10.48
C PHE B 59 6.84 -12.97 10.04
N HIS B 60 7.77 -13.12 10.99
CA HIS B 60 9.07 -13.70 10.70
CA HIS B 60 9.08 -13.71 10.72
C HIS B 60 8.95 -15.15 10.24
N GLU B 61 8.16 -15.94 10.97
CA GLU B 61 8.03 -17.36 10.66
C GLU B 61 7.27 -17.56 9.37
N ALA B 62 6.39 -16.63 9.03
CA ALA B 62 5.62 -16.70 7.77
C ALA B 62 6.45 -16.24 6.58
N LYS B 63 7.66 -15.75 6.84
CA LYS B 63 8.57 -15.26 5.79
C LYS B 63 7.92 -14.13 4.98
N VAL B 64 7.31 -13.19 5.68
CA VAL B 64 6.72 -12.00 5.02
C VAL B 64 7.40 -10.70 5.44
N VAL B 65 8.68 -10.81 5.78
CA VAL B 65 9.47 -9.67 6.25
C VAL B 65 10.62 -9.37 5.28
N ASP B 66 11.12 -8.14 5.33
CA ASP B 66 12.26 -7.72 4.51
C ASP B 66 13.56 -8.09 5.20
N ASP B 67 14.67 -7.58 4.64
CA ASP B 67 16.01 -7.92 5.08
C ASP B 67 16.33 -7.47 6.52
N THR B 68 15.58 -6.52 7.05
CA THR B 68 15.78 -6.06 8.44
C THR B 68 14.64 -6.53 9.37
N GLY B 69 13.74 -7.36 8.85
CA GLY B 69 12.72 -7.99 9.67
C GLY B 69 11.41 -7.24 9.74
N HIS B 70 11.33 -6.13 9.02
CA HIS B 70 10.09 -5.38 8.92
C HIS B 70 9.15 -6.04 7.94
N VAL B 71 7.85 -5.93 8.20
CA VAL B 71 6.85 -6.56 7.34
C VAL B 71 6.91 -5.96 5.94
N HIS B 72 6.97 -6.82 4.95
CA HIS B 72 6.82 -6.45 3.55
C HIS B 72 5.35 -6.66 3.24
N LEU B 73 4.60 -5.57 3.14
CA LEU B 73 3.15 -5.68 3.06
C LEU B 73 2.66 -6.37 1.78
N GLU B 74 3.42 -6.30 0.69
CA GLU B 74 3.05 -7.04 -0.53
C GLU B 74 3.23 -8.56 -0.34
N LYS B 75 4.34 -8.95 0.30
CA LYS B 75 4.57 -10.36 0.61
C LYS B 75 3.46 -10.89 1.51
N LEU B 76 3.11 -10.10 2.52
CA LEU B 76 2.04 -10.45 3.45
C LEU B 76 0.74 -10.67 2.69
N HIS B 77 0.37 -9.67 1.88
CA HIS B 77 -0.84 -9.76 1.04
C HIS B 77 -0.86 -11.01 0.17
N ASP B 78 0.26 -11.31 -0.48
CA ASP B 78 0.40 -12.48 -1.35
CA ASP B 78 0.39 -12.46 -1.35
C ASP B 78 0.30 -13.79 -0.57
N ALA B 79 0.73 -13.78 0.68
CA ALA B 79 0.69 -14.97 1.54
C ALA B 79 -0.70 -15.25 2.10
N LEU B 80 -1.57 -14.25 2.14
CA LEU B 80 -2.93 -14.43 2.63
C LEU B 80 -3.76 -15.21 1.61
N PRO B 81 -4.69 -16.06 2.09
CA PRO B 81 -5.65 -16.69 1.22
C PRO B 81 -6.33 -15.69 0.31
N ASP B 82 -6.53 -16.09 -0.93
CA ASP B 82 -7.13 -15.20 -1.92
C ASP B 82 -8.52 -14.72 -1.50
N SER B 83 -9.25 -15.55 -0.75
CA SER B 83 -10.55 -15.14 -0.22
C SER B 83 -10.51 -13.87 0.66
N MET B 84 -9.33 -13.56 1.23
CA MET B 84 -9.17 -12.38 2.08
CA MET B 84 -9.14 -12.39 2.10
C MET B 84 -8.55 -11.17 1.36
N HIS B 85 -8.27 -11.31 0.08
CA HIS B 85 -7.56 -10.28 -0.70
CA HIS B 85 -7.52 -10.26 -0.61
C HIS B 85 -8.17 -8.89 -0.51
N ASP B 86 -9.46 -8.78 -0.82
CA ASP B 86 -10.15 -7.49 -0.75
C ASP B 86 -10.31 -6.96 0.68
N ILE B 87 -10.69 -7.85 1.60
CA ILE B 87 -10.76 -7.47 3.03
CA ILE B 87 -10.77 -7.46 3.01
C ILE B 87 -9.42 -6.89 3.47
N ALA B 88 -8.32 -7.61 3.18
CA ALA B 88 -6.96 -7.18 3.54
C ALA B 88 -6.61 -5.81 2.97
N LEU B 89 -7.02 -5.58 1.73
CA LEU B 89 -6.73 -4.34 1.02
CA LEU B 89 -6.74 -4.33 1.01
C LEU B 89 -7.32 -3.12 1.75
N HIS B 90 -8.57 -3.23 2.18
CA HIS B 90 -9.22 -2.11 2.89
C HIS B 90 -8.75 -1.96 4.34
N MET B 91 -8.36 -3.08 4.98
CA MET B 91 -7.68 -3.02 6.28
CA MET B 91 -7.71 -2.99 6.29
C MET B 91 -6.36 -2.32 6.17
N GLY B 92 -5.67 -2.57 5.07
CA GLY B 92 -4.30 -2.09 4.87
C GLY B 92 -4.17 -0.67 4.37
N LYS B 93 -5.23 -0.12 3.80
CA LYS B 93 -5.16 1.14 3.04
C LYS B 93 -4.73 2.36 3.84
N ARG B 94 -4.94 2.34 5.15
CA ARG B 94 -4.44 3.41 6.01
C ARG B 94 -3.52 2.87 7.07
N CYS B 95 -2.85 1.76 6.76
CA CYS B 95 -1.94 1.07 7.68
C CYS B 95 -0.62 0.73 7.00
N LEU B 96 -0.06 1.69 6.25
CA LEU B 96 1.09 1.41 5.39
C LEU B 96 2.46 1.68 6.04
N TYR B 97 2.51 2.55 7.04
CA TYR B 97 3.78 3.10 7.53
C TYR B 97 3.87 2.95 9.05
N PRO B 98 4.23 1.75 9.52
CA PRO B 98 4.19 1.47 10.96
C PRO B 98 5.16 2.29 11.78
N GLU B 99 4.79 2.51 13.05
CA GLU B 99 5.59 3.28 14.00
CA GLU B 99 5.57 3.29 14.00
C GLU B 99 5.93 2.39 15.17
N GLY B 100 7.12 2.56 15.73
CA GLY B 100 7.59 1.71 16.83
C GLY B 100 9.10 1.75 16.97
N GLU B 101 9.59 1.43 18.17
CA GLU B 101 11.03 1.49 18.48
C GLU B 101 11.75 0.19 18.16
N ASN B 102 10.98 -0.85 17.82
CA ASN B 102 11.51 -2.17 17.50
C ASN B 102 10.49 -2.98 16.72
N LEU B 103 10.86 -4.20 16.32
CA LEU B 103 10.01 -4.99 15.45
C LEU B 103 8.70 -5.43 16.15
N CYS B 104 8.74 -5.65 17.46
CA CYS B 104 7.53 -5.99 18.21
C CYS B 104 6.53 -4.82 18.23
N GLU B 105 7.05 -3.62 18.46
CA GLU B 105 6.16 -2.44 18.48
CA GLU B 105 6.22 -2.41 18.47
C GLU B 105 5.56 -2.17 17.11
N LYS B 106 6.36 -2.28 16.04
CA LYS B 106 5.86 -2.08 14.67
C LYS B 106 4.89 -3.21 14.27
N ALA B 107 5.15 -4.44 14.70
CA ALA B 107 4.23 -5.54 14.41
C ALA B 107 2.88 -5.29 15.08
N PHE B 108 2.91 -4.87 16.35
CA PHE B 108 1.69 -4.50 17.08
C PHE B 108 0.98 -3.35 16.41
N TRP B 109 1.73 -2.34 16.02
CA TRP B 109 1.19 -1.17 15.34
C TRP B 109 0.30 -1.59 14.15
N LEU B 110 0.79 -2.54 13.37
CA LEU B 110 0.07 -3.04 12.19
C LEU B 110 -1.24 -3.72 12.60
N HIS B 111 -1.13 -4.65 13.54
CA HIS B 111 -2.31 -5.36 14.02
C HIS B 111 -3.38 -4.44 14.62
N LYS B 112 -2.94 -3.47 15.41
CA LYS B 112 -3.83 -2.46 15.98
C LYS B 112 -4.49 -1.66 14.87
N CYS B 113 -3.70 -1.26 13.89
CA CYS B 113 -4.21 -0.46 12.79
C CYS B 113 -5.26 -1.23 11.99
N TRP B 114 -4.99 -2.51 11.73
CA TRP B 114 -5.95 -3.36 11.03
C TRP B 114 -7.22 -3.54 11.85
N LYS B 115 -7.04 -3.81 13.14
CA LYS B 115 -8.16 -4.07 14.02
C LYS B 115 -9.03 -2.82 14.18
N GLU B 116 -8.39 -1.66 14.27
CA GLU B 116 -9.12 -0.37 14.32
C GLU B 116 -9.88 -0.08 13.02
N SER B 117 -9.31 -0.52 11.90
CA SER B 117 -9.88 -0.25 10.58
C SER B 117 -11.10 -1.10 10.24
N ASP B 118 -11.09 -2.36 10.68
CA ASP B 118 -12.15 -3.31 10.38
C ASP B 118 -12.27 -4.35 11.50
N PRO B 119 -12.81 -3.95 12.65
CA PRO B 119 -12.94 -4.87 13.77
C PRO B 119 -13.73 -6.13 13.41
N LYS B 120 -14.75 -6.00 12.58
CA LYS B 120 -15.60 -7.13 12.20
C LYS B 120 -14.83 -8.27 11.52
N HIS B 121 -13.86 -7.93 10.67
CA HIS B 121 -13.09 -8.93 9.93
C HIS B 121 -11.70 -9.16 10.51
N TYR B 122 -11.28 -8.32 11.44
CA TYR B 122 -10.01 -8.54 12.11
C TYR B 122 -10.09 -9.77 13.00
N PHE B 123 -9.04 -10.57 12.98
CA PHE B 123 -8.85 -11.65 13.95
C PHE B 123 -7.35 -11.86 14.14
N LEU B 124 -7.00 -12.49 15.26
CA LEU B 124 -5.65 -12.92 15.53
C LEU B 124 -5.72 -14.39 15.90
N ILE B 125 -4.87 -15.20 15.30
CA ILE B 125 -4.87 -16.64 15.54
C ILE B 125 -3.66 -16.99 16.41
#